data_4NPK
#
_entry.id   4NPK
#
_cell.length_a   95.840
_cell.length_b   53.194
_cell.length_c   85.276
_cell.angle_alpha   90.000
_cell.angle_beta   99.950
_cell.angle_gamma   90.000
#
_symmetry.space_group_name_H-M   'C 1 2 1'
#
loop_
_entity.id
_entity.type
_entity.pdbx_description
1 polymer 'Extended synaptotagmin-2'
2 non-polymer 'CALCIUM ION'
3 water water
#
_entity_poly.entity_id   1
_entity_poly.type   'polypeptide(L)'
_entity_poly.pdbx_seq_one_letter_code
;GNRITVPLVSEVQIAQLRFPVPKGVLRIHFIEAQDLQGKDTYLKGLVKGKSDPYGIIRVGNQIFQSRVIKENLSPKWNEV
YEALVYEHPGQELEIELFDEDPDKDDFLGSLMIDLIEVEKERLLDEWFTLDEVPKGKLHLRLEWLTLMPNVSNLDKVLTD
IKADKDQANDGLSSALLILYLDSARNLPSGKKISSNPNPVVQMSVGHKAQESKIRYKTNEPVWEENFTFFIHNPKRQDLE
VEVRDEQHQCSLGNLKVPLSQLLTSEDMTVSQRFQLSNSGPNSTIKMKIALRVLHLEKR
;
_entity_poly.pdbx_strand_id   A
#
loop_
_chem_comp.id
_chem_comp.type
_chem_comp.name
_chem_comp.formula
CA non-polymer 'CALCIUM ION' 'Ca 2'
#
# COMPACT_ATOMS: atom_id res chain seq x y z
N PHE A 19 -5.29 -3.78 18.23
CA PHE A 19 -4.61 -3.73 16.94
C PHE A 19 -4.28 -2.28 16.57
N PRO A 20 -3.09 -2.04 15.99
CA PRO A 20 -2.69 -0.70 15.57
C PRO A 20 -3.50 -0.19 14.39
N VAL A 21 -3.74 1.11 14.33
CA VAL A 21 -4.45 1.75 13.22
C VAL A 21 -3.55 2.87 12.70
N PRO A 22 -3.58 3.14 11.39
CA PRO A 22 -2.68 4.15 10.83
C PRO A 22 -2.96 5.60 11.25
N LYS A 23 -1.87 6.30 11.56
CA LYS A 23 -1.91 7.73 11.84
C LYS A 23 -2.16 8.54 10.57
N GLY A 24 -1.87 7.92 9.43
CA GLY A 24 -2.13 8.52 8.14
C GLY A 24 -1.48 7.75 7.00
N VAL A 25 -1.59 8.31 5.79
CA VAL A 25 -0.97 7.74 4.60
C VAL A 25 -0.02 8.76 3.99
N LEU A 26 1.21 8.32 3.71
CA LEU A 26 2.19 9.19 3.07
C LEU A 26 2.27 8.86 1.60
N ARG A 27 1.87 9.81 0.74
CA ARG A 27 1.98 9.61 -0.69
C ARG A 27 3.29 10.23 -1.13
N ILE A 28 4.11 9.40 -1.76
CA ILE A 28 5.47 9.78 -2.14
C ILE A 28 5.62 9.88 -3.64
N HIS A 29 5.84 11.09 -4.15
CA HIS A 29 6.11 11.27 -5.56
C HIS A 29 7.62 11.18 -5.77
N PHE A 30 8.04 10.09 -6.38
CA PHE A 30 9.46 9.86 -6.67
C PHE A 30 9.66 10.42 -8.07
N ILE A 31 9.98 11.70 -8.12
CA ILE A 31 9.93 12.48 -9.35
C ILE A 31 11.19 12.36 -10.18
N GLU A 32 12.28 12.94 -9.69
CA GLU A 32 13.50 13.05 -10.46
C GLU A 32 14.69 13.36 -9.58
N ALA A 33 15.88 13.22 -10.16
CA ALA A 33 17.13 13.60 -9.50
C ALA A 33 18.02 14.28 -10.52
N GLN A 34 18.91 15.16 -10.07
CA GLN A 34 19.85 15.82 -10.98
C GLN A 34 21.28 15.73 -10.47
N ASP A 35 22.21 15.75 -11.42
CA ASP A 35 23.65 15.89 -11.15
C ASP A 35 24.22 14.75 -10.31
N LEU A 36 23.78 13.52 -10.61
CA LEU A 36 24.20 12.38 -9.80
C LEU A 36 25.65 11.99 -10.11
N GLN A 37 26.22 11.13 -9.29
CA GLN A 37 27.58 10.63 -9.46
C GLN A 37 27.62 9.56 -10.55
N GLY A 38 28.42 9.77 -11.60
CA GLY A 38 28.53 8.77 -12.65
C GLY A 38 29.44 7.69 -12.10
N LYS A 39 29.01 6.44 -12.17
CA LYS A 39 29.79 5.30 -11.66
C LYS A 39 30.13 4.17 -12.65
N ASP A 40 29.97 4.41 -13.96
CA ASP A 40 30.22 3.36 -14.94
C ASP A 40 31.46 3.84 -15.72
N THR A 41 32.31 2.92 -16.17
CA THR A 41 33.37 3.27 -17.10
C THR A 41 33.66 2.30 -18.25
N TYR A 42 33.47 2.76 -19.48
CA TYR A 42 33.77 1.95 -20.67
C TYR A 42 35.28 1.77 -20.82
N LEU A 43 35.70 0.83 -21.66
CA LEU A 43 37.11 0.65 -22.04
C LEU A 43 38.06 0.56 -20.84
N LYS A 44 37.90 -0.49 -20.04
CA LYS A 44 38.84 -0.79 -18.95
C LYS A 44 38.98 0.38 -17.97
N GLY A 45 38.06 1.32 -18.02
CA GLY A 45 38.06 2.46 -17.11
C GLY A 45 38.82 3.65 -17.65
N LEU A 46 39.06 3.67 -18.95
CA LEU A 46 39.58 4.87 -19.61
C LEU A 46 38.55 5.99 -19.69
N VAL A 47 37.35 5.65 -20.17
CA VAL A 47 36.29 6.64 -20.36
C VAL A 47 35.36 6.73 -19.16
N LYS A 48 35.29 7.91 -18.55
CA LYS A 48 34.34 8.16 -17.49
C LYS A 48 32.94 8.24 -18.10
N GLY A 49 31.99 7.53 -17.50
CA GLY A 49 30.63 7.49 -18.00
C GLY A 49 29.57 7.86 -16.99
N LYS A 50 28.32 7.68 -17.40
CA LYS A 50 27.18 8.02 -16.56
C LYS A 50 26.84 6.83 -15.68
N SER A 51 25.55 6.59 -15.46
CA SER A 51 25.10 5.44 -14.68
C SER A 51 23.66 5.09 -15.04
N ASP A 52 23.06 4.19 -14.26
CA ASP A 52 21.72 3.73 -14.54
C ASP A 52 20.92 3.79 -13.24
N PRO A 53 20.44 5.00 -12.88
CA PRO A 53 19.94 5.18 -11.53
C PRO A 53 18.57 4.57 -11.27
N TYR A 54 18.36 4.15 -10.02
CA TYR A 54 17.06 3.75 -9.52
C TYR A 54 17.09 3.96 -8.02
N GLY A 55 15.93 3.91 -7.37
CA GLY A 55 15.84 4.29 -5.98
C GLY A 55 15.18 3.18 -5.19
N ILE A 56 15.55 3.08 -3.92
CA ILE A 56 14.89 2.20 -2.98
C ILE A 56 14.32 3.07 -1.87
N ILE A 57 13.01 3.00 -1.70
CA ILE A 57 12.30 3.84 -0.76
C ILE A 57 11.68 2.97 0.33
N ARG A 58 11.92 3.34 1.58
CA ARG A 58 11.47 2.57 2.72
C ARG A 58 10.68 3.41 3.72
N VAL A 59 9.55 2.86 4.15
CA VAL A 59 8.78 3.39 5.27
C VAL A 59 8.36 2.24 6.19
N GLY A 60 9.02 2.12 7.34
CA GLY A 60 8.71 1.02 8.25
C GLY A 60 9.10 -0.28 7.61
N ASN A 61 8.12 -1.18 7.44
CA ASN A 61 8.37 -2.46 6.81
C ASN A 61 8.09 -2.41 5.31
N GLN A 62 7.54 -1.29 4.85
CA GLN A 62 7.16 -1.16 3.45
C GLN A 62 8.38 -0.72 2.64
N ILE A 63 8.65 -1.42 1.54
CA ILE A 63 9.77 -1.11 0.67
C ILE A 63 9.29 -0.86 -0.76
N PHE A 64 9.88 0.14 -1.42
CA PHE A 64 9.52 0.45 -2.80
C PHE A 64 10.77 0.59 -3.65
N GLN A 65 10.72 0.04 -4.86
CA GLN A 65 11.84 0.06 -5.81
C GLN A 65 11.40 0.73 -7.11
N SER A 66 12.09 1.81 -7.48
CA SER A 66 11.79 2.50 -8.72
C SER A 66 12.34 1.72 -9.92
N ARG A 67 11.92 2.16 -11.11
CA ARG A 67 12.47 1.63 -12.36
C ARG A 67 13.93 2.02 -12.50
N VAL A 68 14.65 1.26 -13.32
CA VAL A 68 16.01 1.64 -13.68
C VAL A 68 15.96 2.46 -14.95
N ILE A 69 16.51 3.67 -14.91
CA ILE A 69 16.67 4.47 -16.11
C ILE A 69 18.12 4.46 -16.57
N LYS A 70 18.35 4.07 -17.81
CA LYS A 70 19.71 3.76 -18.24
C LYS A 70 20.45 5.04 -18.67
N GLU A 71 21.74 5.11 -18.36
CA GLU A 71 22.63 6.13 -18.90
C GLU A 71 22.14 7.58 -18.74
N ASN A 72 21.91 8.02 -17.51
CA ASN A 72 21.36 9.35 -17.29
C ASN A 72 21.52 9.79 -15.84
N LEU A 73 22.18 10.94 -15.66
CA LEU A 73 22.44 11.48 -14.33
C LEU A 73 21.42 12.53 -13.92
N SER A 74 20.41 12.75 -14.76
CA SER A 74 19.26 13.55 -14.35
C SER A 74 17.97 12.77 -14.54
N PRO A 75 17.88 11.59 -13.92
CA PRO A 75 16.77 10.66 -14.14
C PRO A 75 15.41 11.29 -13.86
N LYS A 76 14.41 10.89 -14.62
CA LYS A 76 13.03 11.34 -14.40
C LYS A 76 12.18 10.09 -14.31
N TRP A 77 11.84 9.69 -13.09
CA TRP A 77 11.04 8.49 -12.87
C TRP A 77 9.55 8.78 -12.87
N ASN A 78 9.16 9.87 -12.21
CA ASN A 78 7.76 10.22 -12.02
C ASN A 78 6.95 9.02 -11.56
N GLU A 79 7.38 8.40 -10.47
CA GLU A 79 6.65 7.27 -9.92
C GLU A 79 6.07 7.75 -8.63
N VAL A 80 5.06 7.03 -8.16
CA VAL A 80 4.39 7.38 -6.93
C VAL A 80 4.08 6.16 -6.09
N TYR A 81 4.41 6.24 -4.80
CA TYR A 81 4.11 5.13 -3.90
C TYR A 81 3.29 5.61 -2.71
N GLU A 82 2.57 4.67 -2.09
CA GLU A 82 1.71 4.98 -0.96
C GLU A 82 2.11 4.08 0.22
N ALA A 83 2.49 4.71 1.33
CA ALA A 83 2.90 3.99 2.52
C ALA A 83 2.02 4.30 3.71
N LEU A 84 1.66 3.28 4.49
CA LEU A 84 0.93 3.52 5.73
C LEU A 84 1.90 3.99 6.81
N VAL A 85 1.44 4.93 7.63
CA VAL A 85 2.21 5.44 8.76
C VAL A 85 1.45 5.32 10.07
N TYR A 86 2.07 4.81 11.14
CA TYR A 86 1.36 4.70 12.41
C TYR A 86 2.07 5.59 13.42
N GLU A 87 1.46 5.83 14.58
CA GLU A 87 2.13 6.56 15.66
C GLU A 87 3.25 5.76 16.34
N HIS A 88 4.12 5.12 15.57
CA HIS A 88 5.16 4.31 16.18
C HIS A 88 6.37 5.21 16.39
N PRO A 89 7.31 4.82 17.26
CA PRO A 89 8.41 5.77 17.51
C PRO A 89 9.23 6.20 16.30
N GLY A 90 9.63 7.47 16.34
CA GLY A 90 10.51 8.08 15.35
C GLY A 90 10.49 7.63 13.90
N GLN A 91 9.49 6.86 13.47
CA GLN A 91 9.46 6.35 12.09
C GLN A 91 9.90 7.38 11.07
N GLU A 92 10.64 6.92 10.07
CA GLU A 92 11.29 7.82 9.11
C GLU A 92 11.11 7.36 7.66
N LEU A 93 11.14 8.29 6.73
CA LEU A 93 11.23 7.95 5.31
C LEU A 93 12.69 7.76 4.90
N GLU A 94 13.04 6.58 4.39
CA GLU A 94 14.43 6.28 4.01
C GLU A 94 14.53 6.12 2.50
N ILE A 95 15.51 6.77 1.88
CA ILE A 95 15.69 6.65 0.43
C ILE A 95 17.15 6.47 0.08
N GLU A 96 17.43 5.44 -0.72
CA GLU A 96 18.77 5.18 -1.25
C GLU A 96 18.74 5.08 -2.78
N LEU A 97 19.71 5.71 -3.44
CA LEU A 97 19.81 5.64 -4.90
C LEU A 97 21.02 4.79 -5.29
N PHE A 98 20.82 3.93 -6.29
CA PHE A 98 21.88 3.07 -6.77
C PHE A 98 22.05 3.13 -8.29
N ASP A 99 23.23 2.72 -8.74
CA ASP A 99 23.52 2.48 -10.15
C ASP A 99 23.34 1.00 -10.45
N GLU A 100 22.42 0.66 -11.33
CA GLU A 100 22.30 -0.72 -11.79
C GLU A 100 23.52 -1.14 -12.59
N ASP A 101 24.31 -2.01 -11.95
CA ASP A 101 25.48 -2.62 -12.56
C ASP A 101 25.19 -4.11 -12.68
N PRO A 102 26.00 -4.85 -13.44
CA PRO A 102 25.75 -6.28 -13.55
C PRO A 102 26.19 -7.04 -12.28
N ASP A 103 27.09 -6.46 -11.48
CA ASP A 103 27.47 -7.05 -10.19
C ASP A 103 26.84 -6.30 -9.02
N LYS A 104 27.61 -5.94 -8.01
CA LYS A 104 27.11 -5.07 -6.94
C LYS A 104 26.77 -3.70 -7.49
N ASP A 105 25.55 -3.24 -7.21
CA ASP A 105 25.10 -1.91 -7.59
C ASP A 105 25.81 -0.82 -6.82
N ASP A 106 26.43 0.13 -7.53
CA ASP A 106 27.15 1.22 -6.89
C ASP A 106 26.18 2.19 -6.22
N PHE A 107 26.61 2.76 -5.10
CA PHE A 107 25.82 3.70 -4.31
C PHE A 107 25.82 5.12 -4.87
N LEU A 108 24.62 5.70 -5.02
CA LEU A 108 24.47 7.06 -5.56
C LEU A 108 23.95 8.11 -4.56
N GLY A 109 23.83 7.74 -3.28
CA GLY A 109 23.41 8.69 -2.27
C GLY A 109 22.18 8.28 -1.47
N SER A 110 21.97 8.93 -0.34
CA SER A 110 20.89 8.58 0.56
C SER A 110 20.20 9.80 1.17
N LEU A 111 19.03 9.55 1.75
CA LEU A 111 18.20 10.62 2.30
C LEU A 111 17.40 10.06 3.49
N MET A 112 17.25 10.87 4.53
CA MET A 112 16.51 10.47 5.74
C MET A 112 15.60 11.61 6.22
N ILE A 113 14.29 11.44 6.04
CA ILE A 113 13.32 12.46 6.45
C ILE A 113 12.52 12.04 7.67
N ASP A 114 12.34 12.98 8.59
CA ASP A 114 11.58 12.73 9.80
C ASP A 114 10.09 12.83 9.49
N LEU A 115 9.37 11.75 9.72
CA LEU A 115 7.95 11.69 9.38
C LEU A 115 7.13 12.67 10.22
N ILE A 116 7.36 12.67 11.54
CA ILE A 116 6.63 13.56 12.43
C ILE A 116 6.76 15.02 11.98
N GLU A 117 7.86 15.32 11.29
CA GLU A 117 8.05 16.62 10.64
C GLU A 117 7.19 16.78 9.39
N VAL A 118 7.13 15.70 8.59
CA VAL A 118 6.34 15.68 7.36
C VAL A 118 4.86 15.83 7.66
N GLU A 119 4.39 15.23 8.74
CA GLU A 119 2.98 15.36 9.11
C GLU A 119 2.70 16.84 9.33
N LYS A 120 3.54 17.48 10.13
CA LYS A 120 3.40 18.90 10.45
C LYS A 120 3.27 19.79 9.20
N GLU A 121 4.00 19.47 8.14
CA GLU A 121 3.98 20.32 6.95
C GLU A 121 2.85 19.98 5.99
N ARG A 122 2.32 18.77 6.10
CA ARG A 122 1.24 18.28 5.24
C ARG A 122 1.60 18.09 3.77
N LEU A 123 2.26 19.09 3.17
CA LEU A 123 2.60 19.04 1.75
C LEU A 123 3.95 19.71 1.48
N LEU A 124 4.88 18.91 0.98
CA LEU A 124 6.20 19.39 0.58
C LEU A 124 6.46 19.20 -0.90
N ASP A 125 7.21 20.12 -1.48
CA ASP A 125 7.69 20.00 -2.85
C ASP A 125 9.06 20.65 -2.90
N GLU A 126 10.10 19.83 -2.83
CA GLU A 126 11.45 20.32 -2.63
C GLU A 126 12.51 19.41 -3.25
N TRP A 127 13.64 20.03 -3.56
CA TRP A 127 14.86 19.32 -3.93
C TRP A 127 15.66 19.05 -2.67
N PHE A 128 16.15 17.82 -2.49
CA PHE A 128 17.00 17.52 -1.35
C PHE A 128 18.37 17.08 -1.84
N THR A 129 19.42 17.57 -1.17
CA THR A 129 20.77 17.19 -1.52
C THR A 129 21.15 15.87 -0.87
N LEU A 130 21.48 14.88 -1.69
CA LEU A 130 21.88 13.58 -1.18
C LEU A 130 23.14 13.64 -0.31
N ASP A 131 23.13 12.88 0.79
CA ASP A 131 24.22 12.83 1.75
C ASP A 131 25.19 11.74 1.32
N GLU A 132 26.45 11.85 1.74
CA GLU A 132 27.44 10.79 1.51
C GLU A 132 27.79 10.58 0.03
N VAL A 133 27.66 11.65 -0.73
CA VAL A 133 28.09 11.64 -2.13
C VAL A 133 28.61 13.05 -2.41
N PRO A 134 29.55 13.18 -3.35
CA PRO A 134 30.10 14.50 -3.68
C PRO A 134 29.07 15.43 -4.32
N LYS A 135 28.08 14.84 -4.97
CA LYS A 135 27.08 15.59 -5.71
C LYS A 135 25.80 14.79 -5.89
N GLY A 136 24.73 15.47 -6.28
CA GLY A 136 23.44 14.84 -6.49
C GLY A 136 22.31 15.39 -5.64
N LYS A 137 21.15 15.49 -6.28
CA LYS A 137 19.98 16.15 -5.72
C LYS A 137 18.75 15.34 -6.11
N LEU A 138 17.75 15.28 -5.23
CA LEU A 138 16.56 14.49 -5.49
C LEU A 138 15.30 15.33 -5.31
N HIS A 139 14.37 15.19 -6.24
CA HIS A 139 13.16 16.00 -6.28
C HIS A 139 11.98 15.20 -5.77
N LEU A 140 11.43 15.60 -4.63
CA LEU A 140 10.31 14.90 -4.03
C LEU A 140 9.11 15.82 -3.82
N ARG A 141 7.93 15.23 -3.94
CA ARG A 141 6.70 15.88 -3.53
C ARG A 141 6.02 14.92 -2.56
N LEU A 142 5.87 15.35 -1.32
CA LEU A 142 5.33 14.49 -0.26
C LEU A 142 3.98 15.01 0.21
N GLU A 143 2.99 14.11 0.24
CA GLU A 143 1.65 14.44 0.69
C GLU A 143 1.26 13.57 1.87
N TRP A 144 0.95 14.23 3.00
CA TRP A 144 0.48 13.53 4.18
C TRP A 144 -1.04 13.52 4.20
N LEU A 145 -1.59 12.34 4.04
CA LEU A 145 -3.03 12.17 3.92
C LEU A 145 -3.55 11.61 5.22
N THR A 146 -4.64 12.17 5.73
CA THR A 146 -5.19 11.70 6.98
C THR A 146 -6.43 10.89 6.69
N LEU A 147 -6.82 10.08 7.66
CA LEU A 147 -7.92 9.15 7.51
C LEU A 147 -9.17 9.88 7.94
N MET A 148 -10.14 10.04 7.05
CA MET A 148 -11.37 10.72 7.42
C MET A 148 -12.45 9.68 7.62
N PRO A 149 -13.27 9.85 8.67
CA PRO A 149 -14.25 8.80 8.99
C PRO A 149 -15.58 9.11 8.31
N ASN A 150 -15.85 10.40 8.13
CA ASN A 150 -17.03 10.79 7.39
C ASN A 150 -16.73 10.85 5.89
N VAL A 151 -17.79 10.85 5.08
CA VAL A 151 -17.64 10.73 3.65
C VAL A 151 -17.64 12.11 3.00
N SER A 152 -17.49 13.16 3.82
CA SER A 152 -17.76 14.49 3.32
C SER A 152 -16.81 14.96 2.21
N ASN A 153 -15.62 14.38 2.14
CA ASN A 153 -14.62 14.87 1.21
C ASN A 153 -14.25 13.88 0.12
N LEU A 154 -14.98 12.77 0.04
CA LEU A 154 -14.65 11.74 -0.92
C LEU A 154 -14.76 12.34 -2.32
N ASP A 155 -15.82 13.11 -2.52
CA ASP A 155 -16.14 13.67 -3.83
C ASP A 155 -14.99 14.53 -4.33
N LYS A 156 -14.40 15.29 -3.41
CA LYS A 156 -13.31 16.19 -3.72
C LYS A 156 -12.02 15.41 -3.95
N VAL A 157 -11.82 14.35 -3.16
CA VAL A 157 -10.60 13.58 -3.27
C VAL A 157 -10.57 12.78 -4.55
N LEU A 158 -11.74 12.34 -5.01
CA LEU A 158 -11.82 11.60 -6.26
C LEU A 158 -11.49 12.49 -7.45
N THR A 159 -11.96 13.73 -7.38
CA THR A 159 -11.72 14.72 -8.43
C THR A 159 -10.28 15.22 -8.51
N ASP A 160 -9.66 15.47 -7.36
CA ASP A 160 -8.24 15.80 -7.32
C ASP A 160 -7.35 14.72 -7.93
N ILE A 161 -7.63 13.46 -7.61
CA ILE A 161 -6.91 12.34 -8.22
C ILE A 161 -7.14 12.41 -9.72
N LYS A 162 -8.37 12.79 -10.06
CA LYS A 162 -8.89 12.92 -11.44
C LYS A 162 -9.35 11.53 -11.84
N ALA A 163 -10.41 11.08 -11.15
CA ALA A 163 -10.96 9.76 -11.31
C ALA A 163 -11.81 9.66 -12.58
N ASP A 164 -11.38 8.81 -13.50
CA ASP A 164 -12.10 8.60 -14.75
C ASP A 164 -11.91 7.18 -15.26
N GLY A 171 -4.07 4.02 -11.34
CA GLY A 171 -4.39 5.19 -10.53
C GLY A 171 -3.89 5.04 -9.11
N LEU A 172 -4.01 6.11 -8.32
CA LEU A 172 -3.63 6.09 -6.92
C LEU A 172 -4.87 6.07 -6.04
N SER A 173 -4.68 5.89 -4.74
CA SER A 173 -5.80 5.67 -3.83
C SER A 173 -6.52 6.89 -3.28
N SER A 174 -7.86 6.84 -3.35
CA SER A 174 -8.71 7.86 -2.77
C SER A 174 -9.20 7.49 -1.38
N ALA A 175 -8.95 6.24 -0.98
CA ALA A 175 -9.41 5.75 0.31
C ALA A 175 -8.64 4.51 0.75
N LEU A 176 -8.75 4.21 2.03
CA LEU A 176 -8.29 2.94 2.59
C LEU A 176 -9.45 2.07 3.01
N LEU A 177 -9.24 0.75 2.90
CA LEU A 177 -10.21 -0.21 3.37
C LEU A 177 -9.49 -0.98 4.45
N ILE A 178 -10.09 -0.95 5.62
CA ILE A 178 -9.57 -1.60 6.81
C ILE A 178 -10.64 -2.59 7.17
N LEU A 179 -10.26 -3.84 7.38
CA LEU A 179 -11.27 -4.85 7.63
C LEU A 179 -10.75 -5.80 8.67
N TYR A 180 -11.71 -6.38 9.37
CA TYR A 180 -11.47 -7.27 10.48
C TYR A 180 -12.09 -8.61 10.19
N LEU A 181 -11.28 -9.66 10.20
CA LEU A 181 -11.79 -10.99 9.97
C LEU A 181 -11.93 -11.64 11.33
N ASP A 182 -13.18 -11.76 11.76
CA ASP A 182 -13.52 -12.31 13.06
C ASP A 182 -13.53 -13.83 12.98
N SER A 183 -14.52 -14.36 12.28
CA SER A 183 -14.76 -15.79 12.28
C SER A 183 -15.74 -16.17 11.17
N ALA A 184 -15.97 -17.47 11.01
CA ALA A 184 -17.03 -17.98 10.14
C ALA A 184 -17.83 -19.03 10.89
N ARG A 185 -19.06 -19.28 10.44
CA ARG A 185 -19.91 -20.28 11.09
C ARG A 185 -20.42 -21.32 10.09
N ASN A 186 -20.58 -22.57 10.54
CA ASN A 186 -21.25 -23.65 9.81
C ASN A 186 -20.76 -23.83 8.38
N LEU A 187 -19.44 -23.90 8.14
CA LEU A 187 -18.98 -24.16 6.77
C LEU A 187 -19.12 -25.61 6.28
N PRO A 188 -19.24 -25.79 4.94
CA PRO A 188 -19.39 -27.11 4.31
C PRO A 188 -18.25 -28.07 4.70
N SER A 189 -18.44 -29.38 4.66
CA SER A 189 -17.40 -30.30 5.10
C SER A 189 -16.60 -30.81 3.90
N SER A 195 -15.28 -36.59 7.62
CA SER A 195 -15.09 -35.41 6.77
C SER A 195 -15.10 -34.12 7.58
N ASN A 196 -13.97 -33.39 7.58
CA ASN A 196 -14.01 -31.99 7.98
C ASN A 196 -12.96 -31.19 7.20
N PRO A 197 -13.17 -29.86 7.04
CA PRO A 197 -12.17 -29.05 6.32
C PRO A 197 -11.13 -28.28 7.17
N ASN A 198 -10.15 -27.65 6.51
CA ASN A 198 -9.17 -26.79 7.19
C ASN A 198 -9.30 -25.36 6.62
N PRO A 199 -10.23 -24.55 7.15
CA PRO A 199 -10.60 -23.25 6.52
C PRO A 199 -9.56 -22.11 6.50
N VAL A 200 -9.43 -21.44 5.36
CA VAL A 200 -8.63 -20.21 5.21
C VAL A 200 -9.37 -19.19 4.33
N VAL A 201 -9.22 -17.90 4.62
CA VAL A 201 -9.91 -16.84 3.85
C VAL A 201 -8.94 -16.02 2.99
N GLN A 202 -9.37 -15.76 1.75
CA GLN A 202 -8.65 -14.86 0.84
C GLN A 202 -9.49 -13.65 0.44
N MET A 203 -8.98 -12.45 0.71
CA MET A 203 -9.66 -11.22 0.33
C MET A 203 -8.89 -10.49 -0.77
N SER A 204 -9.63 -9.92 -1.71
CA SER A 204 -9.00 -9.19 -2.80
C SER A 204 -9.85 -8.03 -3.31
N VAL A 205 -9.71 -6.85 -2.69
CA VAL A 205 -10.24 -5.65 -3.32
C VAL A 205 -9.46 -5.39 -4.60
N GLY A 206 -10.16 -5.56 -5.71
CA GLY A 206 -9.61 -5.45 -7.05
C GLY A 206 -8.46 -6.41 -7.28
N HIS A 207 -7.23 -5.89 -7.39
CA HIS A 207 -6.10 -6.74 -7.78
C HIS A 207 -5.14 -7.04 -6.62
N LYS A 208 -5.21 -6.21 -5.59
CA LYS A 208 -4.49 -6.42 -4.35
C LYS A 208 -5.11 -7.63 -3.69
N ALA A 209 -4.29 -8.55 -3.19
CA ALA A 209 -4.82 -9.70 -2.47
C ALA A 209 -3.95 -10.11 -1.28
N GLN A 210 -4.64 -10.47 -0.21
CA GLN A 210 -4.02 -10.91 1.03
C GLN A 210 -4.84 -12.07 1.58
N GLU A 211 -4.18 -12.86 2.41
CA GLU A 211 -4.74 -14.11 2.89
C GLU A 211 -4.66 -14.12 4.41
N SER A 212 -5.66 -14.70 5.06
CA SER A 212 -5.63 -14.85 6.52
C SER A 212 -4.78 -16.05 6.87
N LYS A 213 -4.59 -16.32 8.17
CA LYS A 213 -3.96 -17.57 8.54
C LYS A 213 -4.94 -18.73 8.38
N ILE A 214 -4.40 -19.95 8.41
CA ILE A 214 -5.19 -21.18 8.42
C ILE A 214 -5.66 -21.70 9.78
N ARG A 215 -6.92 -22.14 9.85
CA ARG A 215 -7.39 -22.94 10.97
C ARG A 215 -7.55 -24.37 10.43
N TYR A 216 -7.31 -25.36 11.28
CA TYR A 216 -7.26 -26.76 10.88
C TYR A 216 -8.42 -27.61 11.41
N LYS A 217 -9.06 -28.35 10.50
CA LYS A 217 -10.07 -29.35 10.85
C LYS A 217 -11.14 -28.77 11.78
N THR A 218 -11.82 -27.75 11.26
CA THR A 218 -12.93 -27.09 11.95
C THR A 218 -13.90 -26.48 10.93
N ASN A 219 -15.21 -26.52 11.23
CA ASN A 219 -16.19 -25.80 10.42
C ASN A 219 -16.57 -24.46 11.05
N GLU A 220 -15.82 -24.08 12.09
CA GLU A 220 -16.11 -22.87 12.87
C GLU A 220 -14.85 -22.05 13.13
N PRO A 221 -14.10 -21.68 12.09
CA PRO A 221 -12.84 -20.96 12.30
C PRO A 221 -12.95 -19.56 12.91
N VAL A 222 -11.98 -19.28 13.77
CA VAL A 222 -11.78 -17.95 14.36
C VAL A 222 -10.40 -17.43 13.94
N TRP A 223 -10.34 -16.23 13.37
CA TRP A 223 -9.04 -15.68 12.96
C TRP A 223 -8.66 -14.44 13.77
N GLU A 224 -9.62 -13.56 14.00
CA GLU A 224 -9.36 -12.28 14.68
C GLU A 224 -8.11 -11.62 14.12
N GLU A 225 -8.12 -11.40 12.80
CA GLU A 225 -7.01 -10.79 12.09
C GLU A 225 -7.47 -9.50 11.43
N ASN A 226 -6.53 -8.57 11.22
CA ASN A 226 -6.86 -7.28 10.65
C ASN A 226 -6.09 -7.12 9.34
N PHE A 227 -6.73 -6.50 8.37
CA PHE A 227 -6.13 -6.29 7.06
C PHE A 227 -6.41 -4.88 6.56
N THR A 228 -5.49 -4.36 5.75
CA THR A 228 -5.65 -3.05 5.14
C THR A 228 -5.44 -3.10 3.62
N PHE A 229 -6.31 -2.41 2.87
CA PHE A 229 -6.14 -2.33 1.42
C PHE A 229 -6.23 -0.86 1.00
N PHE A 230 -5.39 -0.49 0.06
CA PHE A 230 -5.55 0.75 -0.69
C PHE A 230 -6.70 0.71 -1.67
N ILE A 231 -7.48 1.80 -1.72
CA ILE A 231 -8.63 1.88 -2.61
C ILE A 231 -8.54 3.03 -3.61
N HIS A 232 -8.66 2.72 -4.89
CA HIS A 232 -8.65 3.74 -5.92
C HIS A 232 -9.94 4.55 -5.88
N ASN A 233 -11.06 3.86 -6.02
CA ASN A 233 -12.38 4.46 -6.06
C ASN A 233 -13.47 3.54 -5.48
N PRO A 234 -13.95 3.84 -4.26
CA PRO A 234 -14.93 2.96 -3.60
C PRO A 234 -16.27 2.88 -4.34
N LYS A 235 -16.54 3.87 -5.19
CA LYS A 235 -17.80 3.91 -5.92
C LYS A 235 -17.84 2.84 -7.01
N ARG A 236 -16.67 2.30 -7.36
CA ARG A 236 -16.57 1.37 -8.48
C ARG A 236 -16.16 -0.01 -8.03
N GLN A 237 -15.34 -0.09 -6.98
CA GLN A 237 -14.68 -1.35 -6.65
C GLN A 237 -15.50 -2.19 -5.67
N ASP A 238 -15.33 -3.50 -5.79
CA ASP A 238 -15.99 -4.47 -4.91
C ASP A 238 -14.94 -5.19 -4.07
N LEU A 239 -15.29 -5.49 -2.82
CA LEU A 239 -14.49 -6.41 -2.02
C LEU A 239 -14.93 -7.84 -2.31
N GLU A 240 -13.99 -8.69 -2.72
CA GLU A 240 -14.28 -10.09 -2.97
C GLU A 240 -13.62 -10.96 -1.92
N VAL A 241 -14.41 -11.88 -1.35
CA VAL A 241 -13.97 -12.77 -0.29
C VAL A 241 -14.21 -14.22 -0.67
N GLU A 242 -13.16 -15.04 -0.69
CA GLU A 242 -13.32 -16.47 -0.95
C GLU A 242 -12.77 -17.30 0.21
N VAL A 243 -13.60 -18.20 0.72
CA VAL A 243 -13.18 -19.13 1.77
C VAL A 243 -12.81 -20.46 1.11
N ARG A 244 -11.61 -20.95 1.45
CA ARG A 244 -11.08 -22.18 0.87
C ARG A 244 -10.62 -23.18 1.91
N ASP A 245 -10.63 -24.46 1.51
CA ASP A 245 -10.05 -25.53 2.29
C ASP A 245 -8.64 -25.59 1.75
N GLU A 246 -7.64 -25.24 2.56
CA GLU A 246 -6.27 -25.25 2.06
C GLU A 246 -5.68 -26.59 1.64
N GLN A 247 -6.08 -27.69 2.29
CA GLN A 247 -5.56 -28.99 1.88
C GLN A 247 -5.93 -29.29 0.43
N HIS A 248 -7.21 -29.09 0.13
CA HIS A 248 -7.81 -29.51 -1.14
C HIS A 248 -8.42 -28.33 -1.92
N GLN A 249 -8.20 -28.30 -3.23
CA GLN A 249 -8.79 -27.32 -4.14
C GLN A 249 -10.23 -26.84 -3.87
N CYS A 250 -10.99 -27.59 -3.09
CA CYS A 250 -12.37 -27.23 -2.74
C CYS A 250 -12.58 -25.84 -2.14
N SER A 251 -13.61 -25.16 -2.65
CA SER A 251 -14.03 -23.85 -2.18
C SER A 251 -15.01 -24.05 -1.03
N LEU A 252 -15.05 -23.13 -0.08
CA LEU A 252 -16.01 -23.24 1.02
C LEU A 252 -17.05 -22.12 1.01
N GLY A 253 -17.04 -21.29 -0.03
CA GLY A 253 -18.01 -20.21 -0.13
C GLY A 253 -17.33 -18.90 -0.50
N ASN A 254 -18.13 -17.93 -0.94
CA ASN A 254 -17.57 -16.63 -1.25
C ASN A 254 -18.57 -15.49 -1.04
N LEU A 255 -18.06 -14.27 -1.09
CA LEU A 255 -18.82 -13.08 -0.74
C LEU A 255 -18.37 -11.85 -1.52
N LYS A 256 -19.31 -11.12 -2.12
CA LYS A 256 -18.98 -9.87 -2.78
C LYS A 256 -19.65 -8.73 -2.02
N VAL A 257 -18.87 -7.71 -1.69
CA VAL A 257 -19.37 -6.53 -0.99
C VAL A 257 -19.00 -5.27 -1.76
N PRO A 258 -19.97 -4.67 -2.49
CA PRO A 258 -19.66 -3.39 -3.13
C PRO A 258 -19.27 -2.35 -2.09
N LEU A 259 -18.11 -1.73 -2.22
CA LEU A 259 -17.65 -0.79 -1.21
C LEU A 259 -18.56 0.44 -1.19
N SER A 260 -19.34 0.63 -2.25
CA SER A 260 -20.28 1.73 -2.31
C SER A 260 -21.29 1.64 -1.16
N GLN A 261 -21.69 0.42 -0.82
CA GLN A 261 -22.62 0.18 0.28
C GLN A 261 -22.11 0.79 1.60
N LEU A 262 -20.79 0.83 1.77
CA LEU A 262 -20.18 1.38 2.99
C LEU A 262 -20.34 2.89 3.02
N LEU A 263 -20.50 3.48 1.85
CA LEU A 263 -20.52 4.93 1.66
C LEU A 263 -21.74 5.53 2.36
N THR A 264 -22.75 4.70 2.60
CA THR A 264 -23.97 5.16 3.21
C THR A 264 -24.11 4.67 4.65
N SER A 265 -23.04 4.11 5.21
CA SER A 265 -23.02 3.72 6.61
C SER A 265 -22.36 4.79 7.47
N GLU A 266 -22.70 4.80 8.76
CA GLU A 266 -22.09 5.70 9.74
C GLU A 266 -20.58 5.50 9.84
N ASP A 267 -19.81 6.58 9.70
CA ASP A 267 -18.35 6.48 9.69
C ASP A 267 -17.87 5.46 8.67
N MET A 268 -18.67 5.29 7.62
CA MET A 268 -18.34 4.39 6.53
C MET A 268 -17.82 3.05 7.00
N THR A 269 -18.51 2.51 8.01
CA THR A 269 -18.13 1.25 8.62
C THR A 269 -19.38 0.41 8.78
N VAL A 270 -19.28 -0.85 8.40
CA VAL A 270 -20.32 -1.83 8.65
C VAL A 270 -19.75 -3.00 9.43
N SER A 271 -20.57 -3.55 10.31
CA SER A 271 -20.20 -4.71 11.09
C SER A 271 -21.39 -5.65 11.19
N GLN A 272 -21.28 -6.80 10.54
CA GLN A 272 -22.37 -7.76 10.57
C GLN A 272 -21.83 -9.14 10.20
N ARG A 273 -22.68 -10.15 10.38
CA ARG A 273 -22.53 -11.44 9.76
C ARG A 273 -22.95 -11.39 8.30
N PHE A 274 -22.18 -12.02 7.42
CA PHE A 274 -22.49 -12.02 5.99
C PHE A 274 -22.74 -13.44 5.52
N GLN A 275 -23.78 -13.61 4.69
CA GLN A 275 -24.07 -14.87 4.06
C GLN A 275 -23.06 -15.21 2.97
N LEU A 276 -22.59 -16.46 2.95
CA LEU A 276 -21.67 -16.92 1.91
C LEU A 276 -22.46 -17.55 0.78
N SER A 277 -22.03 -17.36 -0.46
CA SER A 277 -22.64 -18.04 -1.59
C SER A 277 -21.80 -19.25 -1.99
N ASN A 278 -22.36 -20.14 -2.80
CA ASN A 278 -21.68 -21.37 -3.21
C ASN A 278 -21.22 -22.14 -1.97
N SER A 279 -22.04 -22.02 -0.93
CA SER A 279 -21.75 -22.54 0.40
C SER A 279 -23.01 -23.21 0.94
N GLY A 280 -23.01 -23.44 2.25
CA GLY A 280 -24.19 -23.99 2.88
C GLY A 280 -25.22 -22.88 2.94
N PRO A 281 -26.45 -23.18 3.36
CA PRO A 281 -27.48 -22.18 3.61
C PRO A 281 -27.35 -21.36 4.90
N ASN A 282 -26.55 -21.85 5.85
CA ASN A 282 -26.42 -21.19 7.14
C ASN A 282 -24.96 -20.81 7.39
N SER A 283 -24.15 -20.99 6.35
CA SER A 283 -22.75 -20.60 6.35
C SER A 283 -22.57 -19.09 6.23
N THR A 284 -21.89 -18.51 7.22
CA THR A 284 -21.71 -17.07 7.30
C THR A 284 -20.29 -16.69 7.70
N ILE A 285 -19.97 -15.42 7.55
CA ILE A 285 -18.66 -14.90 7.90
C ILE A 285 -18.83 -13.54 8.59
N LYS A 286 -18.20 -13.39 9.74
CA LYS A 286 -18.32 -12.18 10.56
C LYS A 286 -17.14 -11.25 10.38
N MET A 287 -17.43 -9.99 10.09
CA MET A 287 -16.40 -9.00 9.82
C MET A 287 -16.79 -7.62 10.30
N LYS A 288 -15.76 -6.79 10.49
CA LYS A 288 -15.94 -5.36 10.61
C LYS A 288 -15.19 -4.81 9.41
N ILE A 289 -15.82 -3.87 8.73
CA ILE A 289 -15.28 -3.34 7.49
C ILE A 289 -15.48 -1.84 7.57
N ALA A 290 -14.37 -1.12 7.44
CA ALA A 290 -14.37 0.34 7.58
C ALA A 290 -13.62 1.00 6.44
N LEU A 291 -14.15 2.12 6.00
CA LEU A 291 -13.56 2.91 4.94
C LEU A 291 -13.14 4.25 5.53
N ARG A 292 -12.02 4.75 5.03
CA ARG A 292 -11.51 6.05 5.42
C ARG A 292 -11.02 6.80 4.21
N VAL A 293 -11.51 8.02 4.02
CA VAL A 293 -11.13 8.80 2.84
C VAL A 293 -9.81 9.51 3.11
N LEU A 294 -8.89 9.43 2.16
CA LEU A 294 -7.57 9.98 2.36
C LEU A 294 -7.57 11.45 1.96
N HIS A 295 -7.24 12.34 2.89
CA HIS A 295 -7.43 13.76 2.66
C HIS A 295 -6.19 14.55 3.04
N LEU A 296 -5.78 15.44 2.14
CA LEU A 296 -4.74 16.41 2.41
C LEU A 296 -5.30 17.77 2.83
N GLU A 297 -5.07 18.16 4.09
CA GLU A 297 -5.49 19.47 4.57
C GLU A 297 -4.26 20.32 4.86
N LYS A 298 -4.47 21.57 5.27
CA LYS A 298 -3.38 22.51 5.51
C LYS A 298 -3.61 23.32 6.78
CA CA B . 25.67 0.90 -14.32
CA CA C . 28.78 1.19 -11.93
CA CA D . 23.53 -5.66 -10.06
#